data_1AXD
#
_entry.id   1AXD
#
_cell.length_a   54.540
_cell.length_b   78.910
_cell.length_c   55.610
_cell.angle_alpha   90.00
_cell.angle_beta   107.24
_cell.angle_gamma   90.00
#
_symmetry.space_group_name_H-M   'P 1 21 1'
#
loop_
_entity.id
_entity.type
_entity.pdbx_description
1 polymer 'GLUTATHIONE S-TRANSFERASE I'
2 polymer LACTOYLGLUTATHIONE
3 water water
#
loop_
_entity_poly.entity_id
_entity_poly.type
_entity_poly.pdbx_seq_one_letter_code
_entity_poly.pdbx_strand_id
1 'polypeptide(L)'
;APMKLYGAVMSWNLTRCATALEEAGSDYEIVPINFATAEHKSPEHLVRNPFGQVPALQDGDLYLFESRAICKYAARKNKP
ELLREGNLEEAAMVDVWIEVEANQYTAALNPILFQVLISPMLGGTTDQKVVDENLEKLKKVLEVYEARLTKCKYLAGDFL
SLADLNHVSVTLCLFATPYASVLDAYPHVKAWWSGLMERPSVQKVAALM
;
A,B
2 'polypeptide(L)' (GGL)(CYW)G C,D
#
# COMPACT_ATOMS: atom_id res chain seq x y z
N ALA A 1 -10.43 -15.25 23.18
CA ALA A 1 -10.60 -16.07 21.96
C ALA A 1 -10.95 -15.23 20.73
N PRO A 2 -12.06 -14.46 20.76
CA PRO A 2 -12.36 -13.66 19.57
C PRO A 2 -11.49 -12.41 19.44
N MET A 3 -10.98 -12.16 18.24
CA MET A 3 -10.16 -10.99 17.96
C MET A 3 -11.11 -9.81 17.99
N LYS A 4 -10.65 -8.65 18.46
CA LYS A 4 -11.53 -7.47 18.48
C LYS A 4 -11.12 -6.55 17.38
N LEU A 5 -12.04 -6.23 16.47
CA LEU A 5 -11.78 -5.31 15.37
C LEU A 5 -12.30 -3.96 15.80
N TYR A 6 -11.41 -2.98 15.89
CA TYR A 6 -11.79 -1.64 16.32
C TYR A 6 -12.15 -0.69 15.24
N GLY A 7 -13.33 -0.08 15.35
CA GLY A 7 -13.77 0.87 14.36
C GLY A 7 -15.27 0.81 14.14
N ALA A 8 -15.83 1.90 13.62
CA ALA A 8 -17.27 1.98 13.33
C ALA A 8 -17.53 1.36 11.97
N VAL A 9 -18.51 0.46 11.88
CA VAL A 9 -18.86 -0.24 10.62
C VAL A 9 -19.11 0.63 9.41
N MET A 10 -19.25 1.93 9.59
CA MET A 10 -19.51 2.82 8.45
C MET A 10 -18.28 3.16 7.66
N SER A 11 -17.11 2.74 8.13
CA SER A 11 -15.87 3.03 7.42
C SER A 11 -15.54 1.93 6.48
N TRP A 12 -15.27 2.25 5.21
CA TRP A 12 -14.95 1.18 4.27
C TRP A 12 -13.57 0.60 4.49
N ASN A 13 -12.81 1.13 5.44
CA ASN A 13 -11.49 0.59 5.74
C ASN A 13 -11.62 -0.52 6.72
N LEU A 14 -12.59 -0.42 7.61
CA LEU A 14 -12.82 -1.46 8.60
C LEU A 14 -13.55 -2.58 7.98
N THR A 15 -14.38 -2.29 7.00
CA THR A 15 -15.12 -3.35 6.33
C THR A 15 -14.23 -4.09 5.38
N ARG A 16 -13.07 -3.53 5.05
CA ARG A 16 -12.13 -4.25 4.19
C ARG A 16 -11.61 -5.39 5.08
N CYS A 17 -11.37 -5.11 6.36
CA CYS A 17 -10.90 -6.08 7.32
C CYS A 17 -11.98 -7.08 7.61
N ALA A 18 -13.22 -6.62 7.75
CA ALA A 18 -14.35 -7.52 8.03
C ALA A 18 -14.53 -8.49 6.92
N THR A 19 -14.25 -8.09 5.69
CA THR A 19 -14.39 -8.98 4.53
C THR A 19 -13.45 -10.15 4.64
N ALA A 20 -12.17 -9.89 4.91
CA ALA A 20 -11.17 -10.95 5.02
C ALA A 20 -11.38 -11.83 6.24
N LEU A 21 -11.81 -11.25 7.34
CA LEU A 21 -12.05 -12.01 8.55
C LEU A 21 -13.19 -12.94 8.34
N GLU A 22 -14.21 -12.47 7.64
CA GLU A 22 -15.39 -13.29 7.34
C GLU A 22 -15.05 -14.43 6.41
N GLU A 23 -14.15 -14.19 5.46
CA GLU A 23 -13.75 -15.19 4.48
C GLU A 23 -12.80 -16.22 5.07
N ALA A 24 -11.88 -15.80 5.92
CA ALA A 24 -10.95 -16.72 6.54
C ALA A 24 -11.65 -17.51 7.60
N GLY A 25 -12.84 -17.08 7.97
CA GLY A 25 -13.60 -17.77 9.00
C GLY A 25 -12.99 -17.53 10.36
N SER A 26 -12.68 -16.27 10.67
CA SER A 26 -12.08 -15.90 11.94
C SER A 26 -13.08 -15.61 13.03
N ASP A 27 -12.63 -15.75 14.27
CA ASP A 27 -13.47 -15.48 15.43
C ASP A 27 -13.19 -14.03 15.76
N TYR A 28 -14.18 -13.15 15.62
CA TYR A 28 -13.95 -11.74 15.91
C TYR A 28 -15.22 -10.96 16.18
N GLU A 29 -15.06 -9.77 16.72
CA GLU A 29 -16.18 -8.90 16.99
C GLU A 29 -15.74 -7.49 16.74
N ILE A 30 -16.68 -6.59 16.46
CA ILE A 30 -16.34 -5.21 16.19
C ILE A 30 -16.58 -4.37 17.41
N VAL A 31 -15.73 -3.38 17.62
CA VAL A 31 -15.85 -2.48 18.75
C VAL A 31 -15.88 -1.10 18.17
N PRO A 32 -17.07 -0.48 18.07
CA PRO A 32 -17.18 0.86 17.52
C PRO A 32 -16.37 1.90 18.24
N ILE A 33 -15.83 2.85 17.48
CA ILE A 33 -15.03 3.93 18.01
C ILE A 33 -15.77 5.18 17.60
N ASN A 34 -16.16 5.99 18.58
CA ASN A 34 -16.90 7.21 18.30
C ASN A 34 -15.94 8.33 18.02
N PHE A 35 -16.08 8.97 16.87
CA PHE A 35 -15.21 10.07 16.52
C PHE A 35 -15.71 11.31 17.18
N ALA A 36 -17.01 11.39 17.44
CA ALA A 36 -17.60 12.57 18.08
C ALA A 36 -17.00 12.89 19.44
N THR A 37 -16.59 11.86 20.18
CA THR A 37 -15.98 12.03 21.50
C THR A 37 -14.50 11.81 21.45
N ALA A 38 -13.91 11.90 20.26
CA ALA A 38 -12.46 11.69 20.07
C ALA A 38 -11.96 10.47 20.72
N GLU A 39 -12.76 9.42 20.67
CA GLU A 39 -12.40 8.14 21.28
C GLU A 39 -11.15 7.56 20.60
N HIS A 40 -10.98 7.81 19.31
CA HIS A 40 -9.83 7.28 18.60
C HIS A 40 -8.56 7.91 19.03
N LYS A 41 -8.66 9.05 19.72
CA LYS A 41 -7.49 9.76 20.21
C LYS A 41 -7.29 9.58 21.72
N SER A 42 -7.86 8.52 22.28
CA SER A 42 -7.72 8.26 23.71
C SER A 42 -6.49 7.39 23.96
N PRO A 43 -5.93 7.44 25.19
CA PRO A 43 -4.75 6.66 25.58
C PRO A 43 -4.96 5.19 25.40
N GLU A 44 -6.18 4.72 25.62
CA GLU A 44 -6.48 3.30 25.44
C GLU A 44 -6.37 2.92 24.00
N HIS A 45 -6.78 3.81 23.10
CA HIS A 45 -6.72 3.52 21.69
C HIS A 45 -5.33 3.73 21.10
N LEU A 46 -4.57 4.68 21.64
CA LEU A 46 -3.22 4.93 21.15
C LEU A 46 -2.28 3.76 21.39
N VAL A 47 -2.63 2.84 22.28
CA VAL A 47 -1.77 1.68 22.49
C VAL A 47 -2.07 0.65 21.44
N ARG A 48 -3.16 0.84 20.70
CA ARG A 48 -3.55 -0.07 19.61
C ARG A 48 -3.05 0.53 18.31
N ASN A 49 -3.32 1.82 18.09
CA ASN A 49 -2.86 2.49 16.88
C ASN A 49 -2.18 3.80 17.31
N PRO A 50 -0.83 3.87 17.27
CA PRO A 50 -0.12 5.09 17.67
C PRO A 50 -0.44 6.26 16.83
N PHE A 51 -1.00 6.04 15.65
CA PHE A 51 -1.37 7.14 14.75
C PHE A 51 -2.82 7.55 14.96
N GLY A 52 -3.44 7.07 16.04
CA GLY A 52 -4.80 7.41 16.38
C GLY A 52 -5.90 7.33 15.34
N GLN A 53 -6.06 6.17 14.72
CA GLN A 53 -7.11 6.01 13.74
C GLN A 53 -7.59 4.60 13.67
N VAL A 54 -8.66 4.37 12.93
CA VAL A 54 -9.23 3.03 12.78
C VAL A 54 -9.05 2.60 11.36
N PRO A 55 -8.99 1.28 11.08
CA PRO A 55 -9.09 0.15 12.03
C PRO A 55 -7.87 -0.18 12.85
N ALA A 56 -8.09 -1.05 13.83
CA ALA A 56 -7.07 -1.56 14.72
C ALA A 56 -7.55 -2.95 15.12
N LEU A 57 -6.67 -3.94 15.13
CA LEU A 57 -7.07 -5.31 15.51
C LEU A 57 -6.28 -5.81 16.69
N GLN A 58 -6.93 -6.57 17.56
CA GLN A 58 -6.27 -7.14 18.73
C GLN A 58 -6.49 -8.60 18.81
N ASP A 59 -5.41 -9.36 18.80
CA ASP A 59 -5.48 -10.80 18.92
C ASP A 59 -4.73 -11.12 20.15
N GLY A 60 -5.44 -11.26 21.26
CA GLY A 60 -4.78 -11.56 22.52
C GLY A 60 -4.05 -10.31 22.95
N ASP A 61 -2.73 -10.33 22.86
CA ASP A 61 -1.91 -9.20 23.24
C ASP A 61 -1.28 -8.58 22.01
N LEU A 62 -1.57 -9.13 20.85
CA LEU A 62 -1.04 -8.64 19.59
C LEU A 62 -1.89 -7.50 19.10
N TYR A 63 -1.27 -6.36 18.81
CA TYR A 63 -1.99 -5.19 18.30
C TYR A 63 -1.59 -4.92 16.88
N LEU A 64 -2.56 -4.68 16.01
CA LEU A 64 -2.26 -4.40 14.61
C LEU A 64 -3.06 -3.26 14.08
N PHE A 65 -2.54 -2.58 13.07
CA PHE A 65 -3.24 -1.47 12.44
C PHE A 65 -2.88 -1.42 10.99
N GLU A 66 -3.61 -0.62 10.21
CA GLU A 66 -3.50 -0.50 8.75
C GLU A 66 -4.31 -1.64 8.21
N SER A 67 -5.46 -1.32 7.61
CA SER A 67 -6.37 -2.32 7.09
C SER A 67 -5.77 -3.45 6.30
N ARG A 68 -4.96 -3.15 5.29
CA ARG A 68 -4.38 -4.23 4.50
C ARG A 68 -3.44 -5.12 5.27
N ALA A 69 -2.78 -4.60 6.31
CA ALA A 69 -1.90 -5.43 7.12
C ALA A 69 -2.77 -6.37 7.92
N ILE A 70 -3.86 -5.86 8.49
CA ILE A 70 -4.80 -6.68 9.28
C ILE A 70 -5.40 -7.78 8.45
N CYS A 71 -5.57 -7.52 7.15
CA CYS A 71 -6.13 -8.48 6.21
C CYS A 71 -5.18 -9.62 5.98
N LYS A 72 -3.92 -9.34 5.66
CA LYS A 72 -2.97 -10.42 5.42
C LYS A 72 -2.84 -11.29 6.64
N TYR A 73 -2.93 -10.71 7.82
CA TYR A 73 -2.84 -11.49 9.05
C TYR A 73 -4.00 -12.45 9.23
N ALA A 74 -5.22 -12.01 9.00
CA ALA A 74 -6.36 -12.90 9.18
C ALA A 74 -6.29 -14.07 8.23
N ALA A 75 -5.74 -13.87 7.04
CA ALA A 75 -5.62 -14.96 6.08
C ALA A 75 -4.45 -15.81 6.48
N ARG A 76 -3.34 -15.16 6.75
CA ARG A 76 -2.11 -15.81 7.18
C ARG A 76 -2.35 -16.73 8.39
N LYS A 77 -3.30 -16.37 9.24
CA LYS A 77 -3.64 -17.12 10.46
C LYS A 77 -4.77 -18.13 10.33
N ASN A 78 -5.76 -17.87 9.47
CA ASN A 78 -6.90 -18.76 9.31
C ASN A 78 -7.11 -19.36 7.96
N LYS A 79 -6.80 -18.64 6.89
CA LYS A 79 -6.99 -19.16 5.54
C LYS A 79 -5.90 -18.65 4.65
N PRO A 80 -4.68 -19.18 4.80
CA PRO A 80 -3.49 -18.82 4.03
C PRO A 80 -3.62 -18.98 2.59
N GLU A 81 -4.55 -19.84 2.17
CA GLU A 81 -4.77 -20.10 0.75
C GLU A 81 -5.11 -18.82 0.03
N LEU A 82 -5.65 -17.84 0.77
CA LEU A 82 -6.00 -16.54 0.20
C LEU A 82 -4.76 -15.73 -0.15
N LEU A 83 -3.60 -16.19 0.31
CA LEU A 83 -2.32 -15.51 0.05
C LEU A 83 -1.42 -16.33 -0.84
N ARG A 84 -1.83 -17.56 -1.15
CA ARG A 84 -1.04 -18.45 -2.01
C ARG A 84 0.38 -18.55 -1.53
N GLU A 85 0.57 -18.50 -0.20
CA GLU A 85 1.88 -18.61 0.40
C GLU A 85 2.36 -19.99 0.12
N GLY A 86 3.60 -20.14 -0.31
CA GLY A 86 4.11 -21.46 -0.62
C GLY A 86 4.49 -21.46 -2.07
N ASN A 87 3.63 -20.91 -2.91
CA ASN A 87 3.92 -20.81 -4.33
C ASN A 87 4.46 -19.41 -4.55
N LEU A 88 5.72 -19.31 -4.94
CA LEU A 88 6.35 -18.02 -5.17
C LEU A 88 5.68 -17.20 -6.25
N GLU A 89 5.52 -17.76 -7.45
CA GLU A 89 4.89 -17.06 -8.58
C GLU A 89 3.53 -16.57 -8.23
N GLU A 90 2.72 -17.45 -7.63
CA GLU A 90 1.36 -17.11 -7.26
C GLU A 90 1.29 -16.07 -6.21
N ALA A 91 2.13 -16.18 -5.18
CA ALA A 91 2.13 -15.18 -4.11
C ALA A 91 2.51 -13.82 -4.66
N ALA A 92 3.43 -13.79 -5.61
CA ALA A 92 3.86 -12.53 -6.22
C ALA A 92 2.71 -11.80 -6.87
N MET A 93 1.84 -12.54 -7.56
CA MET A 93 0.68 -11.94 -8.24
C MET A 93 -0.29 -11.33 -7.23
N VAL A 94 -0.57 -12.03 -6.15
CA VAL A 94 -1.48 -11.54 -5.11
C VAL A 94 -0.98 -10.22 -4.61
N ASP A 95 0.32 -10.13 -4.34
CA ASP A 95 0.91 -8.87 -3.89
C ASP A 95 0.76 -7.81 -4.94
N VAL A 96 1.03 -8.13 -6.20
CA VAL A 96 0.92 -7.15 -7.28
C VAL A 96 -0.45 -6.55 -7.32
N TRP A 97 -1.48 -7.37 -7.19
CA TRP A 97 -2.83 -6.86 -7.24
C TRP A 97 -3.33 -6.27 -5.96
N ILE A 98 -2.72 -6.63 -4.83
CA ILE A 98 -3.10 -6.05 -3.55
C ILE A 98 -2.62 -4.60 -3.61
N GLU A 99 -1.52 -4.34 -4.31
CA GLU A 99 -0.99 -2.99 -4.43
C GLU A 99 -1.75 -2.17 -5.43
N VAL A 100 -2.22 -2.80 -6.51
CA VAL A 100 -3.00 -2.08 -7.52
C VAL A 100 -4.29 -1.54 -6.93
N GLU A 101 -4.98 -2.34 -6.11
CA GLU A 101 -6.22 -1.91 -5.46
C GLU A 101 -6.01 -0.64 -4.74
N ALA A 102 -4.93 -0.58 -3.97
CA ALA A 102 -4.63 0.59 -3.16
C ALA A 102 -4.15 1.76 -3.91
N ASN A 103 -3.23 1.53 -4.84
CA ASN A 103 -2.63 2.62 -5.62
C ASN A 103 -3.27 2.95 -6.93
N GLN A 104 -4.31 2.21 -7.31
CA GLN A 104 -4.97 2.43 -8.59
C GLN A 104 -6.45 2.55 -8.50
N TYR A 105 -7.10 1.46 -8.12
CA TYR A 105 -8.57 1.41 -8.03
C TYR A 105 -9.12 2.31 -6.99
N THR A 106 -8.88 1.99 -5.72
CA THR A 106 -9.38 2.79 -4.63
C THR A 106 -8.94 4.25 -4.72
N ALA A 107 -7.72 4.50 -5.20
CA ALA A 107 -7.21 5.87 -5.36
C ALA A 107 -8.11 6.71 -6.29
N ALA A 108 -8.76 6.06 -7.25
CA ALA A 108 -9.63 6.77 -8.18
C ALA A 108 -10.99 6.83 -7.60
N LEU A 109 -11.37 5.81 -6.85
CA LEU A 109 -12.67 5.74 -6.23
C LEU A 109 -12.88 6.64 -5.06
N ASN A 110 -11.86 6.80 -4.23
CA ASN A 110 -11.94 7.64 -3.03
C ASN A 110 -12.52 9.03 -3.21
N PRO A 111 -12.02 9.81 -4.17
CA PRO A 111 -12.59 11.15 -4.35
C PRO A 111 -14.05 11.03 -4.64
N ILE A 112 -14.39 10.09 -5.52
CA ILE A 112 -15.75 9.85 -5.93
C ILE A 112 -16.68 9.49 -4.80
N LEU A 113 -16.38 8.43 -4.06
CA LEU A 113 -17.22 7.99 -2.96
C LEU A 113 -17.51 9.08 -1.98
N PHE A 114 -16.59 10.03 -1.81
CA PHE A 114 -16.80 11.13 -0.89
C PHE A 114 -17.81 12.15 -1.43
N GLN A 115 -17.59 12.63 -2.65
CA GLN A 115 -18.47 13.63 -3.27
C GLN A 115 -19.85 13.11 -3.42
N VAL A 116 -19.97 11.94 -4.04
CA VAL A 116 -21.24 11.31 -4.29
C VAL A 116 -21.90 10.73 -3.07
N LEU A 117 -21.12 10.37 -2.05
CA LEU A 117 -21.72 9.75 -0.89
C LEU A 117 -21.54 10.41 0.46
N ILE A 118 -20.32 10.62 0.92
CA ILE A 118 -20.13 11.22 2.24
C ILE A 118 -20.58 12.65 2.32
N SER A 119 -20.04 13.50 1.46
CA SER A 119 -20.37 14.93 1.42
C SER A 119 -21.85 15.19 1.58
N PRO A 120 -22.71 14.63 0.71
CA PRO A 120 -24.16 14.86 0.84
C PRO A 120 -24.74 14.49 2.20
N MET A 121 -24.32 13.36 2.77
CA MET A 121 -24.86 12.97 4.07
C MET A 121 -24.40 13.86 5.22
N LEU A 122 -23.30 14.57 5.03
CA LEU A 122 -22.81 15.47 6.07
C LEU A 122 -23.56 16.78 5.94
N GLY A 123 -24.37 16.90 4.89
CA GLY A 123 -25.13 18.12 4.69
C GLY A 123 -24.60 18.97 3.56
N GLY A 124 -23.73 18.39 2.73
CA GLY A 124 -23.18 19.14 1.62
C GLY A 124 -23.73 18.68 0.28
N THR A 125 -23.20 19.25 -0.78
CA THR A 125 -23.62 18.93 -2.13
C THR A 125 -22.48 18.22 -2.84
N THR A 126 -22.78 17.56 -3.95
CA THR A 126 -21.79 16.86 -4.73
C THR A 126 -21.12 17.76 -5.73
N ASP A 127 -19.80 17.72 -5.80
CA ASP A 127 -19.07 18.55 -6.75
C ASP A 127 -18.86 17.71 -7.98
N GLN A 128 -19.66 17.94 -9.01
CA GLN A 128 -19.54 17.17 -10.24
C GLN A 128 -18.16 17.30 -10.85
N LYS A 129 -17.51 18.46 -10.69
CA LYS A 129 -16.17 18.68 -11.24
C LYS A 129 -15.29 17.54 -10.86
N VAL A 130 -15.16 17.33 -9.55
CA VAL A 130 -14.34 16.28 -8.98
C VAL A 130 -14.80 14.90 -9.47
N VAL A 131 -16.09 14.64 -9.44
CA VAL A 131 -16.61 13.34 -9.88
C VAL A 131 -16.25 13.05 -11.31
N ASP A 132 -16.44 14.01 -12.21
CA ASP A 132 -16.14 13.81 -13.63
C ASP A 132 -14.71 13.45 -13.96
N GLU A 133 -13.74 14.13 -13.36
CA GLU A 133 -12.35 13.82 -13.66
C GLU A 133 -11.90 12.52 -13.06
N ASN A 134 -12.38 12.20 -11.88
CA ASN A 134 -11.99 10.94 -11.26
C ASN A 134 -12.62 9.80 -11.96
N LEU A 135 -13.77 10.02 -12.61
CA LEU A 135 -14.42 8.95 -13.36
C LEU A 135 -13.59 8.62 -14.54
N GLU A 136 -12.81 9.59 -15.03
CA GLU A 136 -11.95 9.31 -16.16
C GLU A 136 -10.79 8.52 -15.68
N LYS A 137 -10.20 8.92 -14.57
CA LYS A 137 -9.07 8.20 -14.02
C LYS A 137 -9.44 6.75 -13.79
N LEU A 138 -10.56 6.51 -13.13
CA LEU A 138 -11.05 5.17 -12.84
C LEU A 138 -11.31 4.40 -14.12
N LYS A 139 -11.83 5.09 -15.13
CA LYS A 139 -12.15 4.50 -16.42
C LYS A 139 -10.98 3.83 -17.00
N LYS A 140 -9.82 4.47 -16.92
CA LYS A 140 -8.61 3.88 -17.48
C LYS A 140 -8.19 2.66 -16.68
N VAL A 141 -8.49 2.62 -15.39
CA VAL A 141 -8.15 1.48 -14.55
C VAL A 141 -9.04 0.33 -14.88
N LEU A 142 -10.34 0.58 -15.07
CA LEU A 142 -11.27 -0.49 -15.39
C LEU A 142 -10.96 -1.14 -16.72
N GLU A 143 -10.43 -0.39 -17.68
CA GLU A 143 -10.04 -0.97 -18.98
C GLU A 143 -8.99 -2.08 -18.76
N VAL A 144 -8.05 -1.84 -17.83
CA VAL A 144 -7.00 -2.80 -17.50
C VAL A 144 -7.58 -3.98 -16.79
N TYR A 145 -8.45 -3.73 -15.82
CA TYR A 145 -9.11 -4.81 -15.10
C TYR A 145 -9.88 -5.65 -16.07
N GLU A 146 -10.49 -5.01 -17.07
CA GLU A 146 -11.26 -5.69 -18.10
C GLU A 146 -10.42 -6.71 -18.85
N ALA A 147 -9.22 -6.32 -19.27
CA ALA A 147 -8.30 -7.22 -19.99
C ALA A 147 -7.78 -8.29 -19.08
N ARG A 148 -7.46 -7.92 -17.85
CA ARG A 148 -6.95 -8.84 -16.86
C ARG A 148 -7.95 -9.94 -16.62
N LEU A 149 -9.20 -9.57 -16.36
CA LEU A 149 -10.26 -10.52 -16.08
C LEU A 149 -10.74 -11.29 -17.29
N THR A 150 -10.28 -10.91 -18.48
CA THR A 150 -10.63 -11.65 -19.68
C THR A 150 -9.72 -12.88 -19.76
N LYS A 151 -8.50 -12.74 -19.28
CA LYS A 151 -7.52 -13.82 -19.31
C LYS A 151 -7.52 -14.65 -18.07
N CYS A 152 -7.89 -14.06 -16.93
CA CYS A 152 -7.91 -14.78 -15.67
C CYS A 152 -9.26 -14.82 -15.05
N LYS A 153 -9.52 -15.82 -14.22
CA LYS A 153 -10.81 -15.91 -13.57
C LYS A 153 -10.90 -14.81 -12.56
N TYR A 154 -9.80 -14.58 -11.86
CA TYR A 154 -9.70 -13.54 -10.86
C TYR A 154 -8.49 -12.64 -11.11
N LEU A 155 -8.21 -11.71 -10.20
CA LEU A 155 -7.10 -10.78 -10.35
C LEU A 155 -5.70 -11.40 -10.27
N ALA A 156 -5.42 -12.19 -9.24
CA ALA A 156 -4.10 -12.80 -9.10
C ALA A 156 -3.87 -13.93 -10.04
N GLY A 157 -4.96 -14.49 -10.56
CA GLY A 157 -4.86 -15.64 -11.45
C GLY A 157 -6.18 -16.36 -11.43
N ASP A 158 -6.19 -17.66 -11.68
CA ASP A 158 -7.44 -18.44 -11.70
C ASP A 158 -7.99 -18.82 -10.34
N PHE A 159 -7.57 -18.13 -9.29
CA PHE A 159 -8.01 -18.46 -7.94
C PHE A 159 -8.38 -17.20 -7.19
N LEU A 160 -9.24 -17.32 -6.18
CA LEU A 160 -9.63 -16.16 -5.38
C LEU A 160 -8.47 -15.91 -4.45
N SER A 161 -8.22 -14.65 -4.11
CA SER A 161 -7.14 -14.28 -3.22
C SER A 161 -7.49 -13.00 -2.52
N LEU A 162 -6.59 -12.50 -1.67
CA LEU A 162 -6.79 -11.26 -0.93
C LEU A 162 -6.90 -10.10 -1.86
N ALA A 163 -6.33 -10.23 -3.06
CA ALA A 163 -6.41 -9.15 -4.04
C ALA A 163 -7.84 -8.87 -4.38
N ASP A 164 -8.67 -9.92 -4.50
CA ASP A 164 -10.07 -9.77 -4.83
C ASP A 164 -10.91 -9.23 -3.73
N LEU A 165 -10.86 -9.85 -2.55
CA LEU A 165 -11.64 -9.41 -1.37
C LEU A 165 -11.34 -7.99 -0.98
N ASN A 166 -10.10 -7.55 -1.17
CA ASN A 166 -9.69 -6.19 -0.81
C ASN A 166 -10.42 -5.10 -1.58
N HIS A 167 -11.15 -5.46 -2.64
CA HIS A 167 -11.90 -4.50 -3.45
C HIS A 167 -13.37 -4.42 -3.07
N VAL A 168 -13.88 -5.31 -2.22
CA VAL A 168 -15.30 -5.25 -1.95
C VAL A 168 -15.84 -4.09 -1.22
N SER A 169 -15.27 -3.73 -0.06
CA SER A 169 -15.77 -2.61 0.76
C SER A 169 -15.97 -1.30 0.01
N VAL A 170 -15.06 -0.92 -0.88
CA VAL A 170 -15.25 0.30 -1.64
C VAL A 170 -16.22 0.08 -2.77
N THR A 171 -16.21 -1.10 -3.39
CA THR A 171 -17.09 -1.37 -4.51
C THR A 171 -18.50 -1.50 -4.08
N LEU A 172 -18.74 -2.03 -2.88
CA LEU A 172 -20.10 -2.13 -2.38
C LEU A 172 -20.65 -0.75 -2.27
N CYS A 173 -19.85 0.20 -1.80
CA CYS A 173 -20.29 1.58 -1.68
C CYS A 173 -20.60 2.13 -3.02
N LEU A 174 -19.72 1.92 -3.99
CA LEU A 174 -19.95 2.40 -5.34
C LEU A 174 -21.28 1.84 -5.84
N PHE A 175 -21.55 0.58 -5.54
CA PHE A 175 -22.77 -0.10 -5.97
C PHE A 175 -24.03 0.42 -5.31
N ALA A 176 -23.92 1.32 -4.34
CA ALA A 176 -25.10 1.88 -3.70
C ALA A 176 -25.47 3.18 -4.36
N THR A 177 -24.67 3.63 -5.32
CA THR A 177 -24.93 4.89 -6.00
C THR A 177 -25.23 4.69 -7.46
N PRO A 178 -25.73 5.72 -8.15
CA PRO A 178 -26.04 5.60 -9.58
C PRO A 178 -24.83 5.36 -10.44
N TYR A 179 -23.63 5.49 -9.90
CA TYR A 179 -22.42 5.28 -10.68
C TYR A 179 -22.02 3.83 -10.83
N ALA A 180 -22.87 2.91 -10.40
CA ALA A 180 -22.60 1.48 -10.54
C ALA A 180 -22.69 1.11 -11.98
N SER A 181 -23.26 2.00 -12.79
CA SER A 181 -23.43 1.77 -14.23
C SER A 181 -22.14 1.85 -15.00
N VAL A 182 -21.06 2.23 -14.33
CA VAL A 182 -19.75 2.31 -14.98
C VAL A 182 -19.20 0.91 -15.16
N LEU A 183 -19.60 -0.01 -14.30
CA LEU A 183 -19.13 -1.40 -14.40
C LEU A 183 -19.80 -2.13 -15.53
N ASP A 184 -20.96 -1.65 -15.98
CA ASP A 184 -21.66 -2.31 -17.07
C ASP A 184 -20.87 -2.23 -18.35
N ALA A 185 -19.97 -1.25 -18.46
CA ALA A 185 -19.16 -1.10 -19.66
C ALA A 185 -18.04 -2.09 -19.70
N TYR A 186 -17.86 -2.84 -18.63
CA TYR A 186 -16.78 -3.82 -18.55
C TYR A 186 -17.33 -5.14 -18.10
N PRO A 187 -17.87 -5.94 -19.03
CA PRO A 187 -18.48 -7.26 -18.85
C PRO A 187 -17.79 -8.16 -17.90
N HIS A 188 -16.48 -8.32 -18.05
CA HIS A 188 -15.71 -9.20 -17.17
C HIS A 188 -15.54 -8.71 -15.76
N VAL A 189 -15.40 -7.39 -15.58
CA VAL A 189 -15.30 -6.82 -14.24
C VAL A 189 -16.66 -6.99 -13.60
N LYS A 190 -17.73 -6.79 -14.38
CA LYS A 190 -19.11 -6.94 -13.92
C LYS A 190 -19.38 -8.34 -13.47
N ALA A 191 -19.07 -9.32 -14.30
CA ALA A 191 -19.28 -10.73 -13.95
C ALA A 191 -18.53 -11.04 -12.70
N TRP A 192 -17.26 -10.64 -12.67
CA TRP A 192 -16.35 -10.81 -11.53
C TRP A 192 -16.97 -10.27 -10.25
N TRP A 193 -17.51 -9.05 -10.30
CA TRP A 193 -18.14 -8.42 -9.15
C TRP A 193 -19.38 -9.18 -8.71
N SER A 194 -20.12 -9.76 -9.64
CA SER A 194 -21.32 -10.51 -9.30
C SER A 194 -20.91 -11.80 -8.61
N GLY A 195 -19.85 -12.44 -9.11
CA GLY A 195 -19.40 -13.67 -8.51
C GLY A 195 -19.06 -13.45 -7.05
N LEU A 196 -18.37 -12.34 -6.79
CA LEU A 196 -17.97 -11.99 -5.44
C LEU A 196 -19.16 -11.68 -4.62
N MET A 197 -20.14 -10.99 -5.19
CA MET A 197 -21.34 -10.61 -4.46
C MET A 197 -22.16 -11.77 -3.98
N GLU A 198 -21.91 -12.96 -4.51
CA GLU A 198 -22.63 -14.15 -4.09
C GLU A 198 -22.10 -14.68 -2.79
N ARG A 199 -20.80 -14.51 -2.55
CA ARG A 199 -20.16 -15.03 -1.35
C ARG A 199 -20.78 -14.55 -0.08
N PRO A 200 -21.02 -15.45 0.87
CA PRO A 200 -21.62 -15.13 2.18
C PRO A 200 -20.84 -14.08 2.91
N SER A 201 -19.51 -14.13 2.85
CA SER A 201 -18.68 -13.13 3.53
C SER A 201 -19.03 -11.75 3.06
N VAL A 202 -19.20 -11.59 1.75
CA VAL A 202 -19.55 -10.32 1.12
C VAL A 202 -20.93 -9.86 1.51
N GLN A 203 -21.89 -10.80 1.56
CA GLN A 203 -23.27 -10.49 1.94
C GLN A 203 -23.34 -10.01 3.37
N LYS A 204 -22.55 -10.61 4.26
CA LYS A 204 -22.53 -10.22 5.66
C LYS A 204 -21.96 -8.83 5.76
N VAL A 205 -20.85 -8.58 5.09
CA VAL A 205 -20.21 -7.27 5.10
C VAL A 205 -21.17 -6.24 4.61
N ALA A 206 -21.86 -6.54 3.52
CA ALA A 206 -22.82 -5.62 2.97
C ALA A 206 -23.91 -5.37 4.00
N ALA A 207 -24.20 -6.37 4.82
CA ALA A 207 -25.23 -6.24 5.87
C ALA A 207 -24.77 -5.38 6.99
N LEU A 208 -23.47 -5.34 7.24
CA LEU A 208 -22.93 -4.52 8.32
C LEU A 208 -23.09 -3.05 8.07
N MET A 209 -23.38 -2.67 6.83
CA MET A 209 -23.55 -1.26 6.49
C MET A 209 -25.02 -0.86 6.40
N ALA B 1 20.94 -15.60 -16.41
CA ALA B 1 20.37 -14.30 -16.91
C ALA B 1 19.77 -13.55 -15.75
N PRO B 2 20.22 -12.30 -15.52
CA PRO B 2 19.75 -11.44 -14.44
C PRO B 2 18.33 -10.95 -14.55
N MET B 3 17.77 -10.47 -13.44
CA MET B 3 16.41 -9.94 -13.43
C MET B 3 16.49 -8.61 -14.06
N LYS B 4 15.36 -8.13 -14.58
CA LYS B 4 15.32 -6.83 -15.23
C LYS B 4 14.46 -5.85 -14.49
N LEU B 5 15.06 -4.75 -14.04
CA LEU B 5 14.31 -3.73 -13.34
C LEU B 5 14.18 -2.61 -14.31
N TYR B 6 12.96 -2.32 -14.73
CA TYR B 6 12.71 -1.26 -15.70
C TYR B 6 12.41 0.10 -15.14
N GLY B 7 13.19 1.09 -15.55
CA GLY B 7 12.97 2.45 -15.11
C GLY B 7 14.24 3.25 -14.85
N ALA B 8 14.09 4.56 -14.75
CA ALA B 8 15.21 5.44 -14.49
C ALA B 8 15.60 5.46 -13.05
N VAL B 9 16.89 5.42 -12.79
CA VAL B 9 17.42 5.45 -11.44
C VAL B 9 16.91 6.66 -10.66
N MET B 10 16.50 7.70 -11.37
CA MET B 10 15.98 8.93 -10.78
C MET B 10 14.73 8.78 -9.91
N SER B 11 13.83 7.85 -10.22
CA SER B 11 12.63 7.71 -9.41
C SER B 11 12.86 6.90 -8.18
N TRP B 12 12.41 7.39 -7.02
CA TRP B 12 12.60 6.66 -5.77
C TRP B 12 11.71 5.45 -5.66
N ASN B 13 10.74 5.31 -6.54
CA ASN B 13 9.87 4.14 -6.52
C ASN B 13 10.67 3.04 -7.15
N LEU B 14 11.52 3.43 -8.09
CA LEU B 14 12.40 2.51 -8.82
C LEU B 14 13.48 2.01 -7.99
N THR B 15 14.14 2.93 -7.31
CA THR B 15 15.25 2.61 -6.43
C THR B 15 14.78 1.92 -5.16
N ARG B 16 13.49 2.04 -4.83
CA ARG B 16 12.96 1.35 -3.67
C ARG B 16 13.19 -0.14 -3.89
N CYS B 17 12.96 -0.60 -5.13
CA CYS B 17 13.14 -2.00 -5.53
C CYS B 17 14.60 -2.39 -5.49
N ALA B 18 15.47 -1.51 -5.99
CA ALA B 18 16.91 -1.76 -6.01
C ALA B 18 17.40 -2.06 -4.60
N THR B 19 16.92 -1.31 -3.61
CA THR B 19 17.29 -1.54 -2.23
C THR B 19 16.97 -2.98 -1.83
N ALA B 20 15.77 -3.46 -2.18
CA ALA B 20 15.38 -4.81 -1.84
C ALA B 20 16.18 -5.82 -2.60
N LEU B 21 16.40 -5.58 -3.88
CA LEU B 21 17.14 -6.51 -4.73
C LEU B 21 18.55 -6.64 -4.25
N GLU B 22 19.16 -5.52 -3.88
CA GLU B 22 20.53 -5.47 -3.37
C GLU B 22 20.67 -6.28 -2.11
N GLU B 23 19.86 -5.99 -1.10
CA GLU B 23 19.93 -6.71 0.17
C GLU B 23 19.65 -8.17 0.06
N ALA B 24 18.89 -8.59 -0.93
CA ALA B 24 18.59 -10.01 -1.10
C ALA B 24 19.62 -10.67 -1.98
N GLY B 25 20.64 -9.94 -2.37
CA GLY B 25 21.67 -10.51 -3.22
C GLY B 25 21.13 -10.96 -4.56
N SER B 26 20.03 -10.37 -4.98
CA SER B 26 19.42 -10.71 -6.25
C SER B 26 20.29 -10.32 -7.40
N ASP B 27 20.33 -11.18 -8.41
CA ASP B 27 21.09 -10.95 -9.62
C ASP B 27 20.20 -10.15 -10.54
N TYR B 28 20.35 -8.83 -10.56
CA TYR B 28 19.48 -8.02 -11.38
C TYR B 28 20.24 -7.04 -12.25
N GLU B 29 19.52 -6.34 -13.14
CA GLU B 29 20.11 -5.37 -14.05
C GLU B 29 19.09 -4.28 -14.33
N ILE B 30 19.51 -3.01 -14.27
CA ILE B 30 18.61 -1.87 -14.50
C ILE B 30 18.46 -1.55 -15.94
N VAL B 31 17.23 -1.45 -16.40
CA VAL B 31 16.93 -1.14 -17.80
C VAL B 31 16.17 0.15 -17.83
N PRO B 32 16.82 1.25 -18.22
CA PRO B 32 16.18 2.56 -18.28
C PRO B 32 14.97 2.56 -19.15
N ILE B 33 14.08 3.53 -18.93
CA ILE B 33 12.86 3.69 -19.71
C ILE B 33 12.77 5.16 -19.95
N ASN B 34 12.71 5.59 -21.21
CA ASN B 34 12.65 7.00 -21.51
C ASN B 34 11.23 7.46 -21.68
N PHE B 35 10.77 8.32 -20.77
CA PHE B 35 9.41 8.86 -20.84
C PHE B 35 9.27 9.82 -22.01
N ALA B 36 10.36 10.49 -22.41
CA ALA B 36 10.35 11.45 -23.51
C ALA B 36 9.96 10.87 -24.83
N THR B 37 10.04 9.55 -24.93
CA THR B 37 9.71 8.83 -26.14
C THR B 37 8.44 8.02 -25.91
N ALA B 38 7.75 8.28 -24.80
CA ALA B 38 6.55 7.53 -24.47
C ALA B 38 6.88 6.04 -24.47
N GLU B 39 8.12 5.73 -24.15
CA GLU B 39 8.59 4.36 -24.11
C GLU B 39 7.82 3.59 -23.07
N HIS B 40 7.37 4.28 -22.02
CA HIS B 40 6.60 3.62 -20.96
C HIS B 40 5.20 3.26 -21.40
N LYS B 41 4.77 3.82 -22.52
CA LYS B 41 3.45 3.57 -23.06
C LYS B 41 3.58 2.76 -24.31
N SER B 42 4.77 2.23 -24.59
CA SER B 42 4.97 1.41 -25.78
C SER B 42 4.29 0.06 -25.53
N PRO B 43 3.79 -0.61 -26.57
CA PRO B 43 3.12 -1.90 -26.41
C PRO B 43 4.01 -2.91 -25.77
N GLU B 44 5.32 -2.73 -25.90
CA GLU B 44 6.27 -3.65 -25.31
C GLU B 44 6.22 -3.48 -23.83
N HIS B 45 6.28 -2.23 -23.35
CA HIS B 45 6.24 -2.00 -21.93
C HIS B 45 4.91 -2.32 -21.34
N LEU B 46 3.84 -2.14 -22.10
CA LEU B 46 2.50 -2.45 -21.63
C LEU B 46 2.35 -3.90 -21.27
N VAL B 47 3.26 -4.77 -21.72
CA VAL B 47 3.18 -6.20 -21.39
C VAL B 47 3.79 -6.40 -20.03
N ARG B 48 4.65 -5.48 -19.63
CA ARG B 48 5.33 -5.57 -18.35
C ARG B 48 4.57 -4.88 -17.27
N ASN B 49 3.85 -3.84 -17.64
CA ASN B 49 3.04 -3.07 -16.68
C ASN B 49 1.87 -2.55 -17.45
N PRO B 50 0.69 -3.16 -17.26
CA PRO B 50 -0.55 -2.78 -17.94
C PRO B 50 -0.82 -1.31 -17.78
N PHE B 51 -0.41 -0.76 -16.66
CA PHE B 51 -0.64 0.65 -16.39
C PHE B 51 0.38 1.57 -16.98
N GLY B 52 1.35 1.02 -17.71
CA GLY B 52 2.36 1.85 -18.34
C GLY B 52 3.10 2.77 -17.40
N GLN B 53 3.64 2.21 -16.33
CA GLN B 53 4.41 2.94 -15.33
C GLN B 53 5.69 2.21 -15.04
N VAL B 54 6.59 2.86 -14.29
CA VAL B 54 7.84 2.25 -13.85
C VAL B 54 7.86 2.34 -12.31
N PRO B 55 8.48 1.36 -11.61
CA PRO B 55 9.17 0.17 -12.08
C PRO B 55 8.34 -0.97 -12.58
N ALA B 56 9.00 -1.91 -13.24
CA ALA B 56 8.44 -3.15 -13.78
C ALA B 56 9.59 -4.15 -13.66
N LEU B 57 9.32 -5.39 -13.27
CA LEU B 57 10.39 -6.37 -13.11
C LEU B 57 10.15 -7.57 -13.88
N GLN B 58 11.20 -8.07 -14.55
CA GLN B 58 11.07 -9.30 -15.30
C GLN B 58 12.00 -10.30 -14.75
N ASP B 59 11.51 -11.51 -14.52
CA ASP B 59 12.31 -12.60 -13.99
C ASP B 59 12.00 -13.77 -14.89
N GLY B 60 12.76 -13.92 -15.97
CA GLY B 60 12.51 -15.00 -16.90
C GLY B 60 11.23 -14.65 -17.64
N ASP B 61 10.14 -15.26 -17.22
CA ASP B 61 8.84 -15.00 -17.86
C ASP B 61 7.87 -14.36 -16.93
N LEU B 62 8.24 -14.25 -15.66
CA LEU B 62 7.37 -13.63 -14.68
C LEU B 62 7.49 -12.15 -14.84
N TYR B 63 6.37 -11.44 -14.74
CA TYR B 63 6.36 -9.99 -14.87
C TYR B 63 5.66 -9.39 -13.71
N LEU B 64 6.32 -8.48 -13.01
CA LEU B 64 5.72 -7.84 -11.85
C LEU B 64 5.80 -6.39 -11.94
N PHE B 65 4.86 -5.69 -11.32
CA PHE B 65 4.85 -4.24 -11.30
C PHE B 65 4.39 -3.80 -9.94
N GLU B 66 4.47 -2.50 -9.66
CA GLU B 66 4.10 -1.93 -8.36
C GLU B 66 5.27 -2.24 -7.44
N SER B 67 6.05 -1.20 -7.11
CA SER B 67 7.26 -1.35 -6.29
C SER B 67 7.21 -2.20 -5.09
N ARG B 68 6.33 -1.91 -4.15
CA ARG B 68 6.28 -2.72 -2.93
C ARG B 68 5.99 -4.19 -3.15
N ALA B 69 5.46 -4.56 -4.32
CA ALA B 69 5.20 -5.96 -4.61
C ALA B 69 6.48 -6.56 -5.17
N ILE B 70 7.20 -5.82 -6.00
CA ILE B 70 8.47 -6.29 -6.55
C ILE B 70 9.39 -6.55 -5.39
N CYS B 71 9.37 -5.66 -4.39
CA CYS B 71 10.19 -5.77 -3.21
C CYS B 71 9.95 -7.02 -2.42
N LYS B 72 8.69 -7.38 -2.19
CA LYS B 72 8.36 -8.58 -1.43
C LYS B 72 8.83 -9.77 -2.17
N TYR B 73 8.73 -9.74 -3.49
CA TYR B 73 9.16 -10.84 -4.35
C TYR B 73 10.62 -11.17 -4.21
N ALA B 74 11.49 -10.16 -4.38
CA ALA B 74 12.95 -10.36 -4.26
C ALA B 74 13.32 -10.88 -2.89
N ALA B 75 12.65 -10.39 -1.86
CA ALA B 75 12.91 -10.83 -0.50
C ALA B 75 12.44 -12.24 -0.35
N ARG B 76 11.23 -12.54 -0.78
CA ARG B 76 10.72 -13.88 -0.66
C ARG B 76 11.55 -14.88 -1.44
N LYS B 77 11.98 -14.50 -2.65
CA LYS B 77 12.79 -15.37 -3.49
C LYS B 77 14.21 -15.58 -3.02
N ASN B 78 14.90 -14.52 -2.64
CA ASN B 78 16.28 -14.66 -2.21
C ASN B 78 16.61 -14.46 -0.76
N LYS B 79 15.75 -13.81 0.01
CA LYS B 79 16.02 -13.60 1.43
C LYS B 79 14.76 -13.51 2.26
N PRO B 80 14.02 -14.61 2.39
CA PRO B 80 12.77 -14.68 3.15
C PRO B 80 12.83 -14.20 4.60
N GLU B 81 14.04 -14.08 5.15
CA GLU B 81 14.22 -13.61 6.52
C GLU B 81 13.75 -12.18 6.62
N LEU B 82 13.78 -11.45 5.52
CA LEU B 82 13.34 -10.05 5.50
C LEU B 82 11.85 -9.93 5.74
N LEU B 83 11.10 -10.99 5.43
CA LEU B 83 9.66 -11.02 5.62
C LEU B 83 9.27 -11.64 6.92
N ARG B 84 10.16 -12.49 7.46
CA ARG B 84 9.91 -13.18 8.71
C ARG B 84 8.76 -14.11 8.52
N GLU B 85 8.74 -14.76 7.36
CA GLU B 85 7.70 -15.69 6.93
C GLU B 85 7.20 -16.70 7.93
N GLY B 86 8.12 -17.44 8.55
CA GLY B 86 7.75 -18.47 9.50
C GLY B 86 7.20 -18.08 10.86
N ASN B 87 6.96 -16.79 11.10
CA ASN B 87 6.44 -16.38 12.38
C ASN B 87 5.24 -15.48 12.21
N LEU B 88 4.03 -16.02 12.39
CA LEU B 88 2.79 -15.27 12.23
C LEU B 88 2.84 -13.88 12.83
N GLU B 89 3.25 -13.79 14.08
CA GLU B 89 3.31 -12.50 14.75
C GLU B 89 4.36 -11.59 14.20
N GLU B 90 5.47 -12.13 13.72
CA GLU B 90 6.52 -11.30 13.18
C GLU B 90 6.21 -10.85 11.79
N ALA B 91 5.61 -11.71 10.99
CA ALA B 91 5.25 -11.35 9.63
C ALA B 91 4.21 -10.26 9.68
N ALA B 92 3.28 -10.34 10.64
CA ALA B 92 2.23 -9.34 10.79
C ALA B 92 2.84 -8.03 11.12
N MET B 93 3.82 -8.04 12.00
CA MET B 93 4.51 -6.82 12.42
C MET B 93 5.19 -6.16 11.22
N VAL B 94 5.72 -6.97 10.30
CA VAL B 94 6.40 -6.46 9.10
C VAL B 94 5.39 -5.81 8.24
N ASP B 95 4.28 -6.49 7.97
CA ASP B 95 3.22 -5.94 7.15
C ASP B 95 2.71 -4.59 7.63
N VAL B 96 2.50 -4.46 8.93
CA VAL B 96 1.99 -3.22 9.53
C VAL B 96 2.88 -2.12 9.15
N TRP B 97 4.19 -2.31 9.36
CA TRP B 97 5.14 -1.25 9.06
C TRP B 97 5.43 -1.01 7.63
N ILE B 98 5.14 -1.98 6.77
CA ILE B 98 5.33 -1.78 5.34
C ILE B 98 4.22 -0.81 4.92
N GLU B 99 3.06 -0.92 5.55
CA GLU B 99 1.96 -0.01 5.23
C GLU B 99 2.23 1.35 5.73
N VAL B 100 2.82 1.48 6.91
CA VAL B 100 3.13 2.79 7.51
C VAL B 100 4.06 3.59 6.65
N GLU B 101 5.02 2.94 6.02
CA GLU B 101 5.95 3.64 5.14
C GLU B 101 5.17 4.31 4.00
N ALA B 102 4.30 3.54 3.36
CA ALA B 102 3.51 3.99 2.23
C ALA B 102 2.42 4.94 2.57
N ASN B 103 1.70 4.67 3.64
CA ASN B 103 0.55 5.49 4.04
C ASN B 103 0.79 6.62 4.98
N GLN B 104 1.96 6.72 5.61
CA GLN B 104 2.21 7.81 6.55
C GLN B 104 3.45 8.55 6.24
N TYR B 105 4.58 7.84 6.24
CA TYR B 105 5.90 8.40 5.97
C TYR B 105 6.08 8.97 4.59
N THR B 106 5.94 8.17 3.55
CA THR B 106 6.13 8.69 2.19
C THR B 106 4.92 9.53 1.76
N ALA B 107 3.79 9.40 2.45
CA ALA B 107 2.61 10.20 2.16
C ALA B 107 2.91 11.65 2.46
N ALA B 108 3.69 11.91 3.52
CA ALA B 108 4.07 13.26 3.91
C ALA B 108 5.35 13.71 3.21
N LEU B 109 6.26 12.79 2.98
CA LEU B 109 7.53 13.08 2.33
C LEU B 109 7.48 13.33 0.84
N ASN B 110 6.58 12.67 0.11
CA ASN B 110 6.50 12.88 -1.34
C ASN B 110 6.27 14.30 -1.80
N PRO B 111 5.30 15.02 -1.21
CA PRO B 111 5.06 16.41 -1.63
C PRO B 111 6.29 17.28 -1.50
N ILE B 112 7.00 17.16 -0.38
CA ILE B 112 8.21 17.93 -0.11
C ILE B 112 9.30 17.61 -1.10
N LEU B 113 9.46 16.34 -1.47
CA LEU B 113 10.49 15.92 -2.42
C LEU B 113 10.20 16.45 -3.80
N PHE B 114 8.93 16.49 -4.18
CA PHE B 114 8.60 17.03 -5.49
C PHE B 114 8.95 18.51 -5.51
N GLN B 115 8.43 19.26 -4.55
CA GLN B 115 8.68 20.69 -4.48
C GLN B 115 10.12 21.09 -4.40
N VAL B 116 10.83 20.54 -3.45
CA VAL B 116 12.23 20.87 -3.23
C VAL B 116 13.18 20.30 -4.24
N LEU B 117 12.92 19.11 -4.74
CA LEU B 117 13.83 18.50 -5.72
C LEU B 117 13.38 18.49 -7.19
N ILE B 118 12.18 18.01 -7.48
CA ILE B 118 11.74 17.92 -8.86
C ILE B 118 11.37 19.24 -9.50
N SER B 119 10.48 19.99 -8.86
CA SER B 119 10.00 21.24 -9.39
C SER B 119 11.11 22.09 -9.95
N PRO B 120 12.16 22.38 -9.17
CA PRO B 120 13.24 23.20 -9.73
C PRO B 120 13.96 22.57 -10.94
N MET B 121 14.05 21.24 -10.98
CA MET B 121 14.73 20.54 -12.07
C MET B 121 13.99 20.69 -13.37
N LEU B 122 12.67 20.74 -13.30
CA LEU B 122 11.84 20.91 -14.46
C LEU B 122 11.90 22.36 -14.92
N GLY B 123 12.25 23.27 -14.02
CA GLY B 123 12.32 24.67 -14.38
C GLY B 123 11.36 25.52 -13.56
N GLY B 124 10.82 24.95 -12.49
CA GLY B 124 9.88 25.67 -11.65
C GLY B 124 10.49 26.09 -10.32
N THR B 125 9.66 26.60 -9.41
CA THR B 125 10.13 27.03 -8.09
C THR B 125 9.40 26.32 -7.01
N THR B 126 10.06 26.14 -5.87
CA THR B 126 9.49 25.47 -4.72
C THR B 126 8.39 26.26 -4.04
N ASP B 127 7.23 25.66 -3.83
CA ASP B 127 6.15 26.31 -3.14
C ASP B 127 6.36 26.00 -1.68
N GLN B 128 6.99 26.92 -0.94
CA GLN B 128 7.23 26.69 0.47
C GLN B 128 6.02 26.32 1.26
N LYS B 129 4.86 26.88 0.93
CA LYS B 129 3.64 26.55 1.67
C LYS B 129 3.44 25.07 1.83
N VAL B 130 3.52 24.31 0.74
CA VAL B 130 3.33 22.85 0.82
C VAL B 130 4.47 22.16 1.50
N VAL B 131 5.64 22.80 1.54
CA VAL B 131 6.80 22.22 2.19
C VAL B 131 6.62 22.31 3.68
N ASP B 132 6.11 23.44 4.17
CA ASP B 132 5.89 23.63 5.60
C ASP B 132 4.74 22.82 6.12
N GLU B 133 3.67 22.74 5.33
CA GLU B 133 2.50 21.98 5.72
C GLU B 133 2.82 20.52 5.84
N ASN B 134 3.48 19.95 4.84
CA ASN B 134 3.85 18.54 4.90
C ASN B 134 4.95 18.28 5.83
N LEU B 135 5.70 19.31 6.16
CA LEU B 135 6.79 19.18 7.11
C LEU B 135 6.14 18.98 8.47
N GLU B 136 4.96 19.57 8.68
CA GLU B 136 4.23 19.44 9.93
C GLU B 136 3.67 18.08 10.02
N LYS B 137 3.05 17.60 8.95
CA LYS B 137 2.50 16.25 8.92
C LYS B 137 3.55 15.23 9.20
N LEU B 138 4.76 15.43 8.67
CA LEU B 138 5.86 14.50 8.87
C LEU B 138 6.33 14.41 10.32
N LYS B 139 6.46 15.55 10.99
CA LYS B 139 6.91 15.56 12.39
C LYS B 139 6.06 14.69 13.24
N LYS B 140 4.75 14.69 12.98
CA LYS B 140 3.81 13.86 13.74
C LYS B 140 4.09 12.40 13.54
N VAL B 141 4.58 12.03 12.35
CA VAL B 141 4.90 10.65 12.08
C VAL B 141 6.21 10.34 12.74
N LEU B 142 7.16 11.27 12.66
CA LEU B 142 8.48 11.07 13.26
C LEU B 142 8.44 10.91 14.72
N GLU B 143 7.63 11.68 15.42
CA GLU B 143 7.59 11.49 16.86
C GLU B 143 7.07 10.12 17.22
N VAL B 144 6.27 9.50 16.35
CA VAL B 144 5.75 8.15 16.59
C VAL B 144 6.86 7.16 16.22
N TYR B 145 7.63 7.46 15.18
CA TYR B 145 8.74 6.59 14.80
C TYR B 145 9.74 6.60 15.94
N GLU B 146 9.95 7.77 16.54
CA GLU B 146 10.86 7.94 17.66
C GLU B 146 10.47 7.03 18.80
N ALA B 147 9.20 7.08 19.19
CA ALA B 147 8.67 6.26 20.27
C ALA B 147 8.84 4.80 19.97
N ARG B 148 8.57 4.39 18.73
CA ARG B 148 8.72 2.99 18.32
C ARG B 148 10.14 2.56 18.41
N LEU B 149 11.04 3.38 17.86
CA LEU B 149 12.46 3.04 17.83
C LEU B 149 13.17 3.02 19.16
N THR B 150 12.53 3.51 20.20
CA THR B 150 13.12 3.47 21.54
C THR B 150 12.87 2.06 22.07
N LYS B 151 11.64 1.57 21.90
CA LYS B 151 11.25 0.24 22.36
C LYS B 151 11.88 -0.85 21.54
N CYS B 152 11.89 -0.69 20.23
CA CYS B 152 12.45 -1.72 19.36
C CYS B 152 13.69 -1.32 18.64
N LYS B 153 14.52 -2.29 18.29
CA LYS B 153 15.77 -2.02 17.58
C LYS B 153 15.48 -1.57 16.18
N TYR B 154 14.41 -2.09 15.60
CA TYR B 154 13.99 -1.72 14.26
C TYR B 154 12.50 -1.52 14.27
N LEU B 155 11.90 -1.26 13.11
CA LEU B 155 10.47 -1.02 13.05
C LEU B 155 9.57 -2.17 13.39
N ALA B 156 9.85 -3.35 12.89
CA ALA B 156 8.98 -4.49 13.17
C ALA B 156 9.41 -5.32 14.35
N GLY B 157 10.44 -4.89 15.07
CA GLY B 157 10.92 -5.66 16.19
C GLY B 157 12.41 -5.43 16.33
N ASP B 158 13.12 -6.44 16.81
CA ASP B 158 14.57 -6.33 16.99
C ASP B 158 15.25 -7.05 15.89
N PHE B 159 14.83 -6.79 14.66
CA PHE B 159 15.40 -7.43 13.50
C PHE B 159 15.13 -6.57 12.33
N LEU B 160 16.06 -6.57 11.38
CA LEU B 160 15.91 -5.78 10.17
C LEU B 160 14.93 -6.50 9.28
N SER B 161 14.02 -5.77 8.64
CA SER B 161 13.02 -6.34 7.75
C SER B 161 12.78 -5.46 6.55
N LEU B 162 12.00 -5.93 5.59
CA LEU B 162 11.72 -5.13 4.39
C LEU B 162 11.12 -3.77 4.76
N ALA B 163 10.38 -3.69 5.86
CA ALA B 163 9.75 -2.44 6.31
C ALA B 163 10.76 -1.35 6.41
N ASP B 164 11.92 -1.64 6.96
CA ASP B 164 12.97 -0.65 7.14
C ASP B 164 13.52 -0.27 5.81
N LEU B 165 13.95 -1.27 5.04
CA LEU B 165 14.54 -1.04 3.72
C LEU B 165 13.70 -0.20 2.80
N ASN B 166 12.38 -0.39 2.84
CA ASN B 166 11.46 0.35 1.97
C ASN B 166 11.47 1.84 2.21
N HIS B 167 12.07 2.30 3.31
CA HIS B 167 12.16 3.74 3.63
C HIS B 167 13.44 4.32 3.07
N VAL B 168 14.33 3.48 2.57
CA VAL B 168 15.62 3.95 2.05
C VAL B 168 15.60 5.00 0.99
N SER B 169 15.07 4.70 -0.19
CA SER B 169 15.03 5.66 -1.30
C SER B 169 14.49 7.02 -0.99
N VAL B 170 13.31 7.13 -0.38
CA VAL B 170 12.77 8.46 -0.06
C VAL B 170 13.58 9.22 0.97
N THR B 171 14.03 8.54 2.03
CA THR B 171 14.82 9.19 3.08
C THR B 171 16.15 9.65 2.50
N LEU B 172 16.75 8.83 1.63
CA LEU B 172 18.00 9.17 0.97
C LEU B 172 17.82 10.52 0.31
N CYS B 173 16.68 10.69 -0.38
CA CYS B 173 16.36 11.94 -1.06
C CYS B 173 16.19 13.05 -0.09
N LEU B 174 15.62 12.76 1.07
CA LEU B 174 15.43 13.80 2.09
C LEU B 174 16.81 14.33 2.49
N PHE B 175 17.80 13.46 2.57
CA PHE B 175 19.16 13.83 2.93
C PHE B 175 19.88 14.57 1.84
N ALA B 176 19.14 15.00 0.82
CA ALA B 176 19.69 15.76 -0.30
C ALA B 176 18.99 17.11 -0.32
N THR B 177 18.21 17.40 0.71
CA THR B 177 17.51 18.67 0.81
C THR B 177 17.95 19.36 2.10
N PRO B 178 17.65 20.66 2.27
CA PRO B 178 18.07 21.31 3.51
C PRO B 178 17.28 20.79 4.70
N TYR B 179 16.34 19.87 4.46
CA TYR B 179 15.48 19.33 5.51
C TYR B 179 15.96 18.10 6.19
N ALA B 180 17.14 17.60 5.83
CA ALA B 180 17.70 16.41 6.46
C ALA B 180 17.92 16.61 7.96
N SER B 181 17.86 17.86 8.41
CA SER B 181 18.06 18.19 9.81
C SER B 181 16.90 17.83 10.70
N VAL B 182 15.71 17.60 10.13
CA VAL B 182 14.54 17.25 10.95
C VAL B 182 14.82 16.04 11.82
N LEU B 183 15.58 15.08 11.31
CA LEU B 183 15.88 13.87 12.07
C LEU B 183 16.66 14.12 13.33
N ASP B 184 17.36 15.24 13.43
CA ASP B 184 18.17 15.55 14.61
C ASP B 184 17.39 15.66 15.88
N ALA B 185 16.13 16.06 15.78
CA ALA B 185 15.28 16.19 16.96
C ALA B 185 14.73 14.83 17.36
N TYR B 186 14.97 13.83 16.53
CA TYR B 186 14.49 12.48 16.80
C TYR B 186 15.68 11.57 16.83
N PRO B 187 16.32 11.44 18.00
CA PRO B 187 17.50 10.64 18.29
C PRO B 187 17.49 9.18 17.89
N HIS B 188 16.46 8.43 18.25
CA HIS B 188 16.42 7.02 17.90
C HIS B 188 16.17 6.79 16.46
N VAL B 189 15.40 7.69 15.85
CA VAL B 189 15.10 7.63 14.42
C VAL B 189 16.37 7.96 13.69
N LYS B 190 17.14 8.93 14.20
CA LYS B 190 18.40 9.31 13.57
C LYS B 190 19.40 8.21 13.65
N ALA B 191 19.48 7.55 14.79
CA ALA B 191 20.43 6.45 14.99
C ALA B 191 20.10 5.37 14.04
N TRP B 192 18.81 5.07 13.95
CA TRP B 192 18.27 4.04 13.08
C TRP B 192 18.66 4.29 11.64
N TRP B 193 18.60 5.54 11.20
CA TRP B 193 18.97 5.88 9.83
C TRP B 193 20.44 5.67 9.63
N SER B 194 21.25 6.13 10.57
CA SER B 194 22.70 5.98 10.49
C SER B 194 23.09 4.51 10.44
N GLY B 195 22.41 3.67 11.20
CA GLY B 195 22.71 2.26 11.18
C GLY B 195 22.48 1.67 9.81
N LEU B 196 21.37 2.08 9.16
CA LEU B 196 21.01 1.60 7.83
C LEU B 196 21.93 2.07 6.77
N MET B 197 22.36 3.31 6.90
CA MET B 197 23.27 3.96 5.96
C MET B 197 24.58 3.22 5.80
N GLU B 198 24.99 2.47 6.82
CA GLU B 198 26.25 1.73 6.77
C GLU B 198 26.14 0.42 6.07
N ARG B 199 24.96 0.09 5.55
CA ARG B 199 24.78 -1.18 4.84
C ARG B 199 25.20 -0.95 3.42
N PRO B 200 25.83 -1.95 2.79
CA PRO B 200 26.24 -1.78 1.40
C PRO B 200 25.07 -1.63 0.44
N SER B 201 23.95 -2.29 0.74
CA SER B 201 22.77 -2.20 -0.10
C SER B 201 22.31 -0.78 -0.29
N VAL B 202 22.21 0.00 0.80
CA VAL B 202 21.77 1.40 0.73
C VAL B 202 22.84 2.27 0.15
N GLN B 203 24.09 1.86 0.29
CA GLN B 203 25.21 2.62 -0.26
C GLN B 203 25.28 2.44 -1.74
N LYS B 204 24.79 1.32 -2.24
CA LYS B 204 24.78 1.07 -3.68
C LYS B 204 23.64 1.83 -4.35
N VAL B 205 22.47 1.92 -3.71
CA VAL B 205 21.35 2.64 -4.30
C VAL B 205 21.62 4.12 -4.25
N ALA B 206 22.25 4.58 -3.18
CA ALA B 206 22.59 5.99 -3.03
C ALA B 206 23.54 6.34 -4.17
N ALA B 207 24.42 5.42 -4.51
CA ALA B 207 25.36 5.61 -5.61
C ALA B 207 24.61 5.68 -6.90
N LEU B 208 23.60 4.83 -7.08
CA LEU B 208 22.80 4.83 -8.31
C LEU B 208 22.24 6.21 -8.58
N MET B 209 22.11 7.01 -7.54
CA MET B 209 21.57 8.36 -7.67
C MET B 209 22.71 9.40 -7.60
N GLY C 3 -9.48 9.00 10.77
CA GLY C 3 -9.41 9.62 12.06
C GLY C 3 -8.20 10.54 12.07
N GLY D 3 4.67 7.57 -14.63
CA GLY D 3 4.31 7.43 -16.02
C GLY D 3 2.86 7.84 -16.20
#